data_1P7D
#
_entry.id   1P7D
#
_cell.length_a   59.021
_cell.length_b   106.161
_cell.length_c   73.165
_cell.angle_alpha   90.00
_cell.angle_beta   92.10
_cell.angle_gamma   90.00
#
_symmetry.space_group_name_H-M   'P 1 21 1'
#
loop_
_entity.id
_entity.type
_entity.pdbx_description
1 polymer "5'-D(*CP*AP*AP*TP*GP*CP*CP*AP*AP*CP*TP*TP*T)-3'"
2 polymer 26-MER
3 polymer Integrase
#
loop_
_entity_poly.entity_id
_entity_poly.type
_entity_poly.pdbx_seq_one_letter_code
_entity_poly.pdbx_strand_id
1 'polydeoxyribonucleotide' (DC)(DA)(DA)(DT)(DG)(DC)(DC)(DA)(DA)(DC)(DT)(DT)(DT) C,E
2 'polydeoxyribonucleotide'
;(DT)(DT)(DT)(DG)(DC)(DG)(DA)(DA)(DG)(DC)(DA)(DA)(DA)(DA)(DA)(DA)(DG)(DT)(DT)(DG)
(DG)(DC)(DA)(DT)(DT)(DG)
;
D,F
3 'polypeptide(L)'
;MTLHSWLDRYEKILASRGIKQKTLINYMSKIKAIRRGLPDAPLEDITTKEIAAMLNGYIDEGKAASAKLIRSTLSDAFRE
AIAEGHITTNHVAATRAAKSEVRRSRLTADEYLKIYQAAESSPCWLRLAMELAVVTGQRVGDLCEMKWSDIVDGYLYVEQ
SKTGVKIAIPTALHIDALGISMKETLDKCKEILGGETIIASTRREPLSSGTVSRYFMRARKASGLSFEGDPPTFHELRSL
SARLYEKQISDKFAQHLLGHKSDTMASQ(PTR)RDDRGREWDKIEIK
;
A,B
#
# COMPACT_ATOMS: atom_id res chain seq x y z
N MET E 1 29.64 27.93 -37.51
CA MET E 1 30.47 26.71 -37.70
C MET E 1 29.63 25.52 -38.07
N THR E 2 30.20 24.35 -37.82
CA THR E 2 29.54 23.09 -38.08
C THR E 2 29.17 22.57 -36.69
N LEU E 3 28.05 21.84 -36.59
CA LEU E 3 27.62 21.32 -35.29
C LEU E 3 28.77 20.58 -34.60
N HIS E 4 29.31 19.56 -35.26
CA HIS E 4 30.41 18.77 -34.70
C HIS E 4 31.59 19.59 -34.22
N SER E 5 32.17 20.39 -35.09
CA SER E 5 33.32 21.18 -34.67
C SER E 5 32.95 22.02 -33.45
N TRP E 6 31.71 22.48 -33.38
CA TRP E 6 31.31 23.28 -32.23
C TRP E 6 31.10 22.43 -30.98
N LEU E 7 30.67 21.19 -31.18
CA LEU E 7 30.50 20.33 -30.03
C LEU E 7 31.86 20.15 -29.35
N ASP E 8 32.91 20.12 -30.17
CA ASP E 8 34.28 19.97 -29.67
C ASP E 8 34.69 21.18 -28.85
N ARG E 9 34.26 22.35 -29.29
CA ARG E 9 34.55 23.57 -28.57
C ARG E 9 33.74 23.58 -27.26
N TYR E 10 32.48 23.14 -27.35
CA TYR E 10 31.60 23.09 -26.20
C TYR E 10 32.10 22.17 -25.10
N GLU E 11 32.63 21.00 -25.45
CA GLU E 11 33.13 20.10 -24.42
C GLU E 11 34.37 20.64 -23.74
N LYS E 12 35.23 21.35 -24.47
CA LYS E 12 36.40 21.94 -23.85
C LYS E 12 35.88 22.89 -22.80
N ILE E 13 34.80 23.60 -23.12
CA ILE E 13 34.17 24.53 -22.19
C ILE E 13 33.77 23.76 -20.96
N LEU E 14 32.91 22.76 -21.16
CA LEU E 14 32.43 21.92 -20.08
C LEU E 14 33.56 21.43 -19.20
N ALA E 15 34.65 21.01 -19.83
CA ALA E 15 35.83 20.51 -19.12
C ALA E 15 36.19 21.41 -17.92
N SER E 16 35.78 22.68 -17.97
CA SER E 16 36.02 23.63 -16.87
C SER E 16 34.90 23.43 -15.83
N ARG E 17 34.29 24.53 -15.43
CA ARG E 17 33.18 24.47 -14.49
C ARG E 17 33.45 23.84 -13.11
N GLY E 18 34.46 23.00 -13.00
CA GLY E 18 34.74 22.39 -11.69
C GLY E 18 33.99 21.10 -11.49
N ILE E 19 33.37 20.68 -12.58
CA ILE E 19 32.60 19.46 -12.66
C ILE E 19 33.42 18.23 -12.24
N LYS E 20 32.79 17.28 -11.57
CA LYS E 20 33.50 16.07 -11.15
C LYS E 20 33.66 15.10 -12.32
N GLN E 21 34.65 14.21 -12.23
CA GLN E 21 34.91 13.26 -13.30
C GLN E 21 33.65 12.58 -13.83
N LYS E 22 32.89 11.94 -12.95
CA LYS E 22 31.68 11.26 -13.38
C LYS E 22 30.70 12.23 -14.09
N THR E 23 30.53 13.42 -13.53
CA THR E 23 29.65 14.41 -14.14
C THR E 23 30.07 14.70 -15.57
N LEU E 24 31.36 14.97 -15.77
CA LEU E 24 31.87 15.27 -17.10
C LEU E 24 31.49 14.12 -18.02
N ILE E 25 31.74 12.90 -17.57
CA ILE E 25 31.41 11.72 -18.36
C ILE E 25 29.93 11.74 -18.77
N ASN E 26 29.04 12.00 -17.82
CA ASN E 26 27.62 12.04 -18.13
C ASN E 26 27.37 13.02 -19.27
N TYR E 27 27.97 14.21 -19.15
CA TYR E 27 27.80 15.24 -20.17
C TYR E 27 28.42 14.81 -21.50
N MET E 28 29.59 14.21 -21.45
CA MET E 28 30.26 13.75 -22.65
C MET E 28 29.39 12.75 -23.43
N SER E 29 28.77 11.84 -22.71
CA SER E 29 27.94 10.83 -23.30
C SER E 29 26.70 11.41 -23.98
N LYS E 30 26.21 12.54 -23.47
CA LYS E 30 25.04 13.19 -24.04
C LYS E 30 25.49 13.90 -25.31
N ILE E 31 26.73 14.39 -25.30
CA ILE E 31 27.27 15.07 -26.46
C ILE E 31 27.60 14.08 -27.56
N LYS E 32 28.04 12.89 -27.17
CA LYS E 32 28.38 11.85 -28.12
C LYS E 32 27.12 11.35 -28.80
N ALA E 33 26.01 11.41 -28.07
CA ALA E 33 24.73 10.95 -28.60
C ALA E 33 24.23 11.94 -29.64
N ILE E 34 24.44 13.23 -29.36
CA ILE E 34 24.02 14.28 -30.27
C ILE E 34 24.74 14.11 -31.60
N ARG E 35 26.03 13.79 -31.55
CA ARG E 35 26.83 13.57 -32.74
C ARG E 35 26.16 12.55 -33.65
N ARG E 36 26.17 11.29 -33.24
CA ARG E 36 25.54 10.25 -34.02
C ARG E 36 24.16 10.69 -34.51
N GLY E 37 23.44 11.44 -33.69
CA GLY E 37 22.09 11.83 -34.05
C GLY E 37 21.86 12.98 -35.00
N LEU E 38 22.84 13.86 -35.15
CA LEU E 38 22.67 14.98 -36.05
C LEU E 38 23.87 15.19 -36.97
N PRO E 39 23.63 15.71 -38.19
CA PRO E 39 24.63 15.98 -39.23
C PRO E 39 25.73 16.93 -38.75
N ASP E 40 26.49 17.47 -39.69
CA ASP E 40 27.58 18.39 -39.37
C ASP E 40 27.25 19.81 -39.85
N ALA E 41 26.05 19.99 -40.40
CA ALA E 41 25.59 21.27 -40.90
C ALA E 41 25.87 22.42 -39.91
N PRO E 42 25.79 23.67 -40.39
CA PRO E 42 26.03 24.85 -39.54
C PRO E 42 24.84 25.37 -38.72
N LEU E 43 23.92 26.04 -39.41
CA LEU E 43 22.71 26.64 -38.82
C LEU E 43 22.89 27.02 -37.34
N THR E 47 15.93 23.41 -38.40
CA THR E 47 16.51 22.29 -37.67
C THR E 47 15.72 21.90 -36.41
N THR E 48 14.79 22.75 -35.98
CA THR E 48 13.98 22.41 -34.81
C THR E 48 13.33 21.04 -34.98
N LYS E 49 12.77 20.80 -36.17
CA LYS E 49 12.10 19.53 -36.46
C LYS E 49 13.14 18.42 -36.58
N GLU E 50 14.34 18.81 -37.02
CA GLU E 50 15.45 17.90 -37.19
C GLU E 50 15.90 17.42 -35.81
N ILE E 51 15.78 18.32 -34.84
CA ILE E 51 16.14 18.03 -33.46
C ILE E 51 15.09 17.12 -32.80
N ALA E 52 13.83 17.54 -32.83
CA ALA E 52 12.73 16.75 -32.27
C ALA E 52 12.66 15.37 -32.92
N ALA E 53 13.20 15.27 -34.13
CA ALA E 53 13.22 14.01 -34.87
C ALA E 53 14.09 13.04 -34.09
N MET E 54 15.23 13.55 -33.63
CA MET E 54 16.16 12.75 -32.84
C MET E 54 15.54 12.39 -31.49
N LEU E 55 15.14 13.41 -30.74
CA LEU E 55 14.53 13.23 -29.43
C LEU E 55 13.35 12.25 -29.44
N ASN E 56 12.38 12.47 -30.33
CA ASN E 56 11.22 11.59 -30.42
C ASN E 56 11.69 10.19 -30.75
N GLY E 57 12.89 10.11 -31.32
CA GLY E 57 13.46 8.82 -31.67
C GLY E 57 13.87 8.08 -30.40
N TYR E 58 14.05 8.82 -29.32
CA TYR E 58 14.43 8.23 -28.05
C TYR E 58 13.16 7.96 -27.25
N ILE E 59 12.26 8.93 -27.25
CA ILE E 59 11.00 8.77 -26.56
C ILE E 59 10.24 7.66 -27.25
N ASP E 60 10.62 7.38 -28.50
CA ASP E 60 9.98 6.34 -29.30
C ASP E 60 10.29 4.96 -28.76
N GLU E 61 11.55 4.70 -28.45
CA GLU E 61 11.92 3.41 -27.90
C GLU E 61 11.93 3.41 -26.38
N GLY E 62 11.15 4.33 -25.81
CA GLY E 62 11.02 4.42 -24.37
C GLY E 62 12.21 4.88 -23.55
N LYS E 63 13.08 5.69 -24.14
CA LYS E 63 14.22 6.19 -23.39
C LYS E 63 13.97 7.67 -23.12
N ALA E 64 12.87 7.93 -22.42
CA ALA E 64 12.48 9.28 -22.08
C ALA E 64 13.51 10.00 -21.23
N ALA E 65 14.08 9.30 -20.24
CA ALA E 65 15.09 9.91 -19.38
C ALA E 65 16.19 10.49 -20.26
N SER E 66 16.74 9.65 -21.13
CA SER E 66 17.80 10.07 -22.03
C SER E 66 17.36 11.25 -22.87
N ALA E 67 16.15 11.17 -23.41
CA ALA E 67 15.62 12.24 -24.24
C ALA E 67 15.66 13.57 -23.50
N LYS E 68 15.07 13.63 -22.32
CA LYS E 68 15.07 14.85 -21.53
C LYS E 68 16.49 15.31 -21.20
N LEU E 69 17.39 14.36 -20.92
CA LEU E 69 18.77 14.72 -20.60
C LEU E 69 19.50 15.25 -21.82
N ILE E 70 19.26 14.64 -22.98
CA ILE E 70 19.92 15.11 -24.21
C ILE E 70 19.40 16.49 -24.54
N ARG E 71 18.09 16.63 -24.57
CA ARG E 71 17.48 17.92 -24.89
C ARG E 71 18.17 19.02 -24.06
N SER E 72 18.29 18.80 -22.76
CA SER E 72 18.93 19.79 -21.89
C SER E 72 20.34 20.15 -22.34
N THR E 73 21.15 19.13 -22.58
CA THR E 73 22.53 19.36 -22.99
C THR E 73 22.61 20.07 -24.32
N LEU E 74 21.72 19.71 -25.24
CA LEU E 74 21.71 20.34 -26.56
C LEU E 74 21.40 21.82 -26.40
N SER E 75 20.36 22.11 -25.64
CA SER E 75 19.97 23.48 -25.39
C SER E 75 21.10 24.30 -24.80
N ASP E 76 21.80 23.77 -23.80
CA ASP E 76 22.90 24.51 -23.18
C ASP E 76 24.03 24.74 -24.17
N ALA E 77 24.31 23.73 -24.99
CA ALA E 77 25.35 23.86 -26.00
C ALA E 77 24.96 25.02 -26.90
N PHE E 78 23.68 25.13 -27.20
CA PHE E 78 23.18 26.21 -28.04
C PHE E 78 23.29 27.56 -27.39
N ARG E 79 22.94 27.66 -26.12
CA ARG E 79 23.06 28.94 -25.49
C ARG E 79 24.53 29.37 -25.50
N GLU E 80 25.46 28.43 -25.33
CA GLU E 80 26.88 28.77 -25.37
C GLU E 80 27.25 29.23 -26.77
N ALA E 81 26.71 28.58 -27.80
CA ALA E 81 27.00 28.97 -29.16
C ALA E 81 26.49 30.38 -29.43
N ILE E 82 25.29 30.67 -28.94
CA ILE E 82 24.69 32.00 -29.12
C ILE E 82 25.55 33.05 -28.41
N ALA E 83 26.12 32.67 -27.27
CA ALA E 83 26.96 33.58 -26.50
C ALA E 83 28.20 33.97 -27.31
N GLU E 84 29.00 33.00 -27.71
CA GLU E 84 30.20 33.27 -28.48
C GLU E 84 29.85 33.86 -29.84
N GLY E 85 28.56 33.96 -30.12
CA GLY E 85 28.11 34.52 -31.37
C GLY E 85 28.41 33.62 -32.56
N HIS E 86 27.60 32.59 -32.75
CA HIS E 86 27.77 31.66 -33.85
C HIS E 86 26.39 31.38 -34.42
N ILE E 87 25.40 31.49 -33.55
CA ILE E 87 24.01 31.28 -33.91
C ILE E 87 23.26 32.41 -33.20
N THR E 88 21.96 32.51 -33.44
CA THR E 88 21.18 33.55 -32.82
C THR E 88 19.88 32.97 -32.24
N THR E 89 19.52 31.77 -32.68
CA THR E 89 18.31 31.11 -32.22
C THR E 89 18.59 29.75 -31.59
N ASN E 90 17.89 29.48 -30.49
CA ASN E 90 18.03 28.23 -29.75
C ASN E 90 16.89 27.32 -30.19
N HIS E 91 17.03 26.72 -31.37
CA HIS E 91 15.99 25.85 -31.92
C HIS E 91 15.64 24.65 -31.06
N VAL E 92 16.20 24.61 -29.87
CA VAL E 92 15.92 23.52 -28.95
C VAL E 92 14.79 23.97 -28.04
N ALA E 93 14.73 25.28 -27.75
CA ALA E 93 13.70 25.86 -26.89
C ALA E 93 12.30 25.61 -27.45
N ALA E 94 12.21 25.63 -28.77
CA ALA E 94 10.96 25.42 -29.49
C ALA E 94 10.60 23.94 -29.52
N THR E 95 11.27 23.14 -28.71
CA THR E 95 11.03 21.71 -28.67
C THR E 95 10.29 21.34 -27.38
N ARG E 96 9.68 20.16 -27.36
CA ARG E 96 8.95 19.71 -26.17
C ARG E 96 9.82 19.04 -25.11
N ALA E 97 9.66 19.48 -23.87
CA ALA E 97 10.41 18.89 -22.77
C ALA E 97 9.70 17.56 -22.46
N ALA E 98 10.41 16.46 -22.66
CA ALA E 98 9.85 15.13 -22.44
C ALA E 98 9.56 14.81 -20.97
N LYS E 99 8.44 14.11 -20.74
CA LYS E 99 8.02 13.71 -19.40
C LYS E 99 8.54 12.31 -19.08
N SER E 100 9.18 12.16 -17.93
CA SER E 100 9.72 10.88 -17.49
C SER E 100 9.36 10.59 -16.04
N GLU E 101 8.87 9.39 -15.78
CA GLU E 101 8.50 8.99 -14.42
C GLU E 101 9.40 7.83 -13.97
N VAL E 102 9.88 7.88 -12.73
CA VAL E 102 10.74 6.80 -12.24
C VAL E 102 9.99 5.50 -12.42
N ARG E 103 10.61 4.53 -13.09
CA ARG E 103 9.98 3.23 -13.31
C ARG E 103 10.38 2.26 -12.20
N ARG E 104 11.53 2.52 -11.58
CA ARG E 104 12.04 1.63 -10.53
C ARG E 104 11.08 1.49 -9.37
N SER E 105 10.75 0.25 -9.03
CA SER E 105 9.82 0.02 -7.92
C SER E 105 10.51 -0.02 -6.57
N ARG E 106 9.80 0.44 -5.55
CA ARG E 106 10.36 0.43 -4.22
C ARG E 106 10.45 -1.00 -3.70
N LEU E 107 11.32 -1.22 -2.72
CA LEU E 107 11.52 -2.53 -2.13
C LEU E 107 10.81 -2.58 -0.78
N THR E 108 10.24 -3.72 -0.41
CA THR E 108 9.56 -3.83 0.88
C THR E 108 10.36 -4.66 1.86
N ALA E 109 10.00 -4.57 3.14
CA ALA E 109 10.67 -5.32 4.19
C ALA E 109 10.65 -6.82 3.87
N ASP E 110 9.47 -7.33 3.52
CA ASP E 110 9.34 -8.74 3.20
C ASP E 110 10.16 -9.13 1.99
N GLU E 111 10.11 -8.33 0.93
CA GLU E 111 10.88 -8.61 -0.27
C GLU E 111 12.36 -8.69 0.10
N TYR E 112 12.78 -7.84 1.02
CA TYR E 112 14.16 -7.82 1.46
C TYR E 112 14.57 -9.16 2.06
N LEU E 113 13.71 -9.71 2.91
CA LEU E 113 13.99 -11.00 3.54
C LEU E 113 14.13 -12.13 2.54
N LYS E 114 13.36 -12.07 1.45
CA LYS E 114 13.42 -13.11 0.43
C LYS E 114 14.70 -13.00 -0.39
N ILE E 115 15.16 -11.77 -0.63
CA ILE E 115 16.37 -11.56 -1.41
C ILE E 115 17.56 -11.93 -0.54
N TYR E 116 17.42 -11.68 0.76
CA TYR E 116 18.46 -11.99 1.73
C TYR E 116 18.71 -13.50 1.77
N GLN E 117 17.63 -14.28 1.69
CA GLN E 117 17.76 -15.73 1.70
C GLN E 117 18.37 -16.15 0.37
N ALA E 118 17.81 -15.64 -0.72
CA ALA E 118 18.30 -15.97 -2.06
C ALA E 118 19.77 -15.60 -2.19
N ALA E 119 20.26 -14.73 -1.31
CA ALA E 119 21.65 -14.32 -1.34
C ALA E 119 22.53 -15.35 -0.62
N GLU E 120 21.89 -16.38 -0.07
CA GLU E 120 22.60 -17.45 0.65
C GLU E 120 23.54 -18.21 -0.30
N SER E 121 23.40 -17.96 -1.60
CA SER E 121 24.23 -18.62 -2.59
C SER E 121 25.31 -17.67 -3.10
N SER E 122 25.45 -16.53 -2.43
CA SER E 122 26.44 -15.51 -2.81
C SER E 122 27.50 -15.34 -1.74
N PRO E 123 28.63 -14.69 -2.06
CA PRO E 123 29.70 -14.49 -1.09
C PRO E 123 29.10 -13.88 0.18
N CYS E 124 29.79 -14.04 1.30
CA CYS E 124 29.28 -13.51 2.56
C CYS E 124 29.15 -12.02 2.60
N TRP E 125 30.05 -11.31 1.91
CA TRP E 125 29.97 -9.86 1.92
C TRP E 125 28.67 -9.32 1.34
N LEU E 126 28.02 -10.08 0.47
CA LEU E 126 26.75 -9.62 -0.08
C LEU E 126 25.77 -9.38 1.06
N ARG E 127 25.36 -10.45 1.70
CA ARG E 127 24.42 -10.37 2.81
C ARG E 127 24.85 -9.36 3.88
N LEU E 128 26.15 -9.28 4.13
CA LEU E 128 26.63 -8.33 5.13
C LEU E 128 26.47 -6.94 4.56
N ALA E 129 26.77 -6.77 3.27
CA ALA E 129 26.62 -5.48 2.61
C ALA E 129 25.16 -5.05 2.64
N MET E 130 24.26 -6.01 2.46
CA MET E 130 22.85 -5.71 2.48
C MET E 130 22.38 -5.23 3.85
N GLU E 131 22.90 -5.83 4.92
CA GLU E 131 22.52 -5.46 6.28
C GLU E 131 23.03 -4.09 6.64
N LEU E 132 24.27 -3.80 6.27
CA LEU E 132 24.87 -2.51 6.54
C LEU E 132 24.13 -1.43 5.76
N ALA E 133 23.86 -1.71 4.48
CA ALA E 133 23.15 -0.78 3.63
C ALA E 133 21.86 -0.31 4.27
N VAL E 134 21.06 -1.24 4.78
CA VAL E 134 19.78 -0.90 5.40
C VAL E 134 19.88 -0.25 6.78
N VAL E 135 20.82 -0.70 7.60
CA VAL E 135 20.93 -0.15 8.95
C VAL E 135 21.58 1.24 8.97
N THR E 136 22.41 1.55 7.98
CA THR E 136 23.07 2.86 7.94
C THR E 136 22.46 3.84 6.92
N GLY E 137 21.56 3.35 6.06
CA GLY E 137 20.93 4.19 5.07
C GLY E 137 21.90 4.95 4.16
N GLN E 138 23.13 4.46 4.02
CA GLN E 138 24.10 5.13 3.17
C GLN E 138 24.12 4.59 1.74
N ARG E 139 24.65 5.40 0.83
CA ARG E 139 24.76 5.00 -0.57
C ARG E 139 25.86 3.97 -0.78
N VAL E 140 25.61 2.99 -1.64
CA VAL E 140 26.61 1.94 -1.89
C VAL E 140 27.99 2.56 -2.12
N GLY E 141 28.04 3.61 -2.91
CA GLY E 141 29.31 4.27 -3.16
C GLY E 141 30.05 4.60 -1.88
N ASP E 142 29.35 5.00 -0.83
CA ASP E 142 30.03 5.31 0.42
C ASP E 142 30.29 4.05 1.23
N LEU E 143 29.35 3.12 1.22
CA LEU E 143 29.52 1.87 1.97
C LEU E 143 30.82 1.17 1.60
N CYS E 144 31.25 1.29 0.36
CA CYS E 144 32.47 0.63 -0.08
C CYS E 144 33.72 1.41 0.31
N GLU E 145 33.52 2.56 0.94
CA GLU E 145 34.62 3.42 1.38
C GLU E 145 34.90 3.25 2.86
N MET E 146 33.87 2.86 3.60
CA MET E 146 34.01 2.74 5.05
C MET E 146 35.15 1.84 5.50
N LYS E 147 36.11 2.46 6.16
CA LYS E 147 37.27 1.76 6.69
C LYS E 147 37.04 1.67 8.19
N TRP E 148 37.66 0.68 8.83
CA TRP E 148 37.49 0.51 10.26
C TRP E 148 37.99 1.72 11.01
N SER E 149 38.92 2.43 10.38
CA SER E 149 39.45 3.61 11.01
C SER E 149 38.37 4.69 11.13
N ASP E 150 37.28 4.52 10.39
CA ASP E 150 36.20 5.50 10.43
C ASP E 150 35.33 5.39 11.69
N ILE E 151 35.42 4.26 12.38
CA ILE E 151 34.65 4.08 13.61
C ILE E 151 35.47 4.62 14.77
N VAL E 152 34.87 5.48 15.58
CA VAL E 152 35.57 6.07 16.71
C VAL E 152 34.62 6.37 17.84
N ASP E 153 34.75 5.60 18.93
CA ASP E 153 33.92 5.79 20.10
C ASP E 153 32.43 5.66 19.83
N GLY E 154 32.04 4.53 19.24
CA GLY E 154 30.63 4.27 18.97
C GLY E 154 30.02 5.04 17.82
N TYR E 155 30.87 5.62 16.97
CA TYR E 155 30.38 6.37 15.83
C TYR E 155 31.11 6.09 14.53
N LEU E 156 30.34 5.86 13.47
CA LEU E 156 30.92 5.63 12.16
C LEU E 156 30.85 6.94 11.40
N TYR E 157 32.00 7.55 11.18
CA TYR E 157 32.04 8.81 10.48
C TYR E 157 31.93 8.59 8.98
N VAL E 158 31.09 9.37 8.33
CA VAL E 158 30.88 9.25 6.90
C VAL E 158 30.83 10.58 6.19
N GLU E 159 31.69 10.77 5.20
CA GLU E 159 31.66 12.00 4.41
C GLU E 159 31.16 11.55 3.07
N GLN E 160 29.85 11.63 2.87
CA GLN E 160 29.23 11.21 1.64
C GLN E 160 30.00 11.80 0.46
N SER E 161 30.36 10.93 -0.48
CA SER E 161 31.11 11.31 -1.67
C SER E 161 30.36 12.18 -2.66
N LYS E 162 29.10 11.89 -2.86
CA LYS E 162 28.30 12.63 -3.81
C LYS E 162 27.94 14.05 -3.40
N THR E 163 27.89 14.31 -2.10
CA THR E 163 27.48 15.63 -1.64
C THR E 163 28.42 16.32 -0.67
N GLY E 164 29.37 15.57 -0.13
CA GLY E 164 30.30 16.17 0.81
C GLY E 164 29.74 16.23 2.22
N VAL E 165 28.47 15.94 2.37
CA VAL E 165 27.81 15.93 3.66
C VAL E 165 28.59 15.04 4.62
N LYS E 166 28.75 15.51 5.86
CA LYS E 166 29.48 14.77 6.88
C LYS E 166 28.58 14.41 8.06
N ILE E 167 28.48 13.12 8.36
CA ILE E 167 27.66 12.69 9.48
C ILE E 167 28.33 11.61 10.31
N ALA E 168 27.88 11.47 11.55
CA ALA E 168 28.41 10.49 12.46
C ALA E 168 27.27 9.54 12.76
N ILE E 169 27.42 8.28 12.40
CA ILE E 169 26.37 7.30 12.63
C ILE E 169 26.67 6.48 13.88
N PRO E 170 25.76 6.50 14.86
CA PRO E 170 25.94 5.74 16.11
C PRO E 170 25.79 4.25 15.85
N THR E 171 26.77 3.47 16.28
CA THR E 171 26.75 2.01 16.08
C THR E 171 25.74 1.27 16.95
N ALA E 172 25.26 1.94 18.00
CA ALA E 172 24.27 1.35 18.88
C ALA E 172 22.94 1.20 18.12
N LEU E 173 22.98 1.52 16.84
CA LEU E 173 21.80 1.48 15.99
C LEU E 173 21.32 0.07 15.67
N HIS E 174 20.05 -0.03 15.26
CA HIS E 174 19.45 -1.31 14.89
C HIS E 174 18.04 -1.12 14.33
N ILE E 175 17.69 -1.96 13.36
CA ILE E 175 16.39 -1.91 12.72
C ILE E 175 15.59 -3.05 13.30
N ASP E 176 14.48 -2.72 13.94
CA ASP E 176 13.64 -3.74 14.58
C ASP E 176 12.85 -4.61 13.64
N ALA E 177 12.09 -3.98 12.75
CA ALA E 177 11.29 -4.71 11.77
C ALA E 177 12.04 -5.82 11.05
N LEU E 178 13.37 -5.74 10.99
CA LEU E 178 14.16 -6.76 10.30
C LEU E 178 15.15 -7.50 11.20
N GLY E 179 15.24 -7.09 12.46
CA GLY E 179 16.16 -7.75 13.37
C GLY E 179 17.63 -7.57 13.00
N ILE E 180 18.03 -6.31 12.78
CA ILE E 180 19.41 -6.02 12.43
C ILE E 180 20.04 -5.10 13.48
N SER E 181 21.18 -5.54 14.00
CA SER E 181 21.92 -4.79 14.99
C SER E 181 23.19 -4.34 14.29
N MET E 182 23.47 -3.04 14.30
CA MET E 182 24.65 -2.54 13.62
C MET E 182 25.94 -3.09 14.22
N LYS E 183 26.01 -3.09 15.54
CA LYS E 183 27.20 -3.61 16.23
C LYS E 183 27.35 -5.09 15.86
N GLU E 184 26.23 -5.79 15.87
CA GLU E 184 26.21 -7.21 15.53
C GLU E 184 26.73 -7.43 14.10
N THR E 185 26.26 -6.60 13.17
CA THR E 185 26.66 -6.65 11.77
C THR E 185 28.14 -6.31 11.61
N LEU E 186 28.56 -5.24 12.27
CA LEU E 186 29.95 -4.81 12.23
C LEU E 186 30.90 -5.90 12.73
N ASP E 187 30.52 -6.57 13.81
CA ASP E 187 31.35 -7.63 14.34
C ASP E 187 31.53 -8.66 13.23
N LYS E 188 30.42 -9.20 12.74
CA LYS E 188 30.45 -10.19 11.66
C LYS E 188 31.31 -9.69 10.50
N CYS E 189 31.32 -8.39 10.27
CA CYS E 189 32.12 -7.83 9.19
C CYS E 189 33.60 -7.88 9.50
N LYS E 190 33.94 -7.64 10.76
CA LYS E 190 35.34 -7.68 11.16
C LYS E 190 35.87 -9.10 11.04
N GLU E 191 35.17 -10.04 11.65
CA GLU E 191 35.55 -11.46 11.65
C GLU E 191 35.52 -12.13 10.28
N ILE E 192 34.31 -12.39 9.78
CA ILE E 192 34.09 -13.06 8.50
C ILE E 192 34.78 -12.46 7.27
N LEU E 193 34.81 -11.13 7.17
CA LEU E 193 35.42 -10.47 6.01
C LEU E 193 36.86 -10.02 6.26
N GLY E 194 37.09 -9.35 7.39
CA GLY E 194 38.41 -8.88 7.74
C GLY E 194 39.18 -8.19 6.63
N GLY E 195 39.00 -6.88 6.50
CA GLY E 195 39.72 -6.11 5.50
C GLY E 195 39.92 -4.70 6.03
N GLU E 196 40.67 -3.86 5.33
CA GLU E 196 40.87 -2.49 5.78
C GLU E 196 39.52 -1.78 5.70
N THR E 197 38.74 -2.14 4.68
CA THR E 197 37.40 -1.58 4.50
C THR E 197 36.42 -2.52 5.22
N ILE E 198 35.37 -1.95 5.81
CA ILE E 198 34.38 -2.74 6.53
C ILE E 198 33.69 -3.74 5.61
N ILE E 199 33.69 -3.45 4.32
CA ILE E 199 33.11 -4.32 3.32
C ILE E 199 34.28 -4.69 2.41
N ALA E 200 34.77 -5.91 2.56
CA ALA E 200 35.90 -6.38 1.75
C ALA E 200 35.51 -7.57 0.88
N SER E 201 36.31 -7.82 -0.15
CA SER E 201 36.06 -8.93 -1.06
C SER E 201 36.57 -10.24 -0.51
N THR E 202 36.33 -11.32 -1.25
CA THR E 202 36.76 -12.66 -0.86
C THR E 202 38.26 -12.69 -0.56
N ARG E 203 39.00 -11.76 -1.16
CA ARG E 203 40.44 -11.67 -0.97
C ARG E 203 40.75 -10.50 -0.02
N ARG E 204 39.89 -10.29 0.97
CA ARG E 204 40.08 -9.21 1.92
C ARG E 204 40.50 -7.86 1.30
N GLU E 205 40.12 -7.61 0.04
CA GLU E 205 40.44 -6.35 -0.62
C GLU E 205 39.20 -5.47 -0.76
N PRO E 206 39.38 -4.17 -1.11
CA PRO E 206 38.24 -3.26 -1.26
C PRO E 206 37.31 -3.61 -2.44
N LEU E 207 36.00 -3.55 -2.20
CA LEU E 207 35.02 -3.84 -3.25
C LEU E 207 34.61 -2.56 -3.98
N SER E 208 34.01 -2.71 -5.16
CA SER E 208 33.54 -1.56 -5.92
C SER E 208 32.01 -1.55 -5.92
N SER E 209 31.45 -0.38 -5.71
CA SER E 209 30.00 -0.23 -5.65
C SER E 209 29.35 -0.97 -6.79
N GLY E 210 29.99 -0.92 -7.95
CA GLY E 210 29.44 -1.60 -9.11
C GLY E 210 29.24 -3.08 -8.85
N THR E 211 30.22 -3.73 -8.24
CA THR E 211 30.11 -5.15 -7.98
C THR E 211 29.00 -5.47 -7.02
N VAL E 212 28.98 -4.76 -5.89
CA VAL E 212 27.97 -4.94 -4.85
C VAL E 212 26.61 -4.89 -5.51
N SER E 213 26.36 -3.81 -6.24
CA SER E 213 25.11 -3.61 -6.96
C SER E 213 24.78 -4.86 -7.76
N ARG E 214 25.73 -5.27 -8.58
CA ARG E 214 25.62 -6.42 -9.46
C ARG E 214 25.28 -7.73 -8.73
N TYR E 215 25.92 -8.02 -7.60
CA TYR E 215 25.61 -9.24 -6.87
C TYR E 215 24.24 -9.16 -6.22
N PHE E 216 23.84 -7.96 -5.83
CA PHE E 216 22.52 -7.77 -5.26
C PHE E 216 21.49 -8.08 -6.34
N MET E 217 21.80 -7.64 -7.56
CA MET E 217 20.92 -7.85 -8.70
C MET E 217 20.77 -9.35 -9.00
N ARG E 218 21.89 -10.08 -8.96
CA ARG E 218 21.83 -11.53 -9.18
C ARG E 218 20.87 -12.15 -8.17
N ALA E 219 21.15 -11.93 -6.90
CA ALA E 219 20.32 -12.47 -5.82
C ALA E 219 18.84 -12.14 -5.98
N ARG E 220 18.54 -10.99 -6.58
CA ARG E 220 17.15 -10.60 -6.79
C ARG E 220 16.51 -11.59 -7.74
N LYS E 221 17.09 -11.73 -8.92
CA LYS E 221 16.58 -12.67 -9.92
C LYS E 221 16.49 -14.05 -9.27
N ALA E 222 17.53 -14.44 -8.54
CA ALA E 222 17.55 -15.73 -7.86
C ALA E 222 16.33 -15.93 -6.96
N SER E 223 15.87 -14.86 -6.31
CA SER E 223 14.73 -14.96 -5.43
C SER E 223 13.47 -15.19 -6.24
N GLY E 224 13.54 -14.87 -7.53
CA GLY E 224 12.40 -15.06 -8.40
C GLY E 224 11.18 -14.23 -8.07
N LEU E 225 11.37 -13.07 -7.44
CA LEU E 225 10.24 -12.19 -7.10
C LEU E 225 9.75 -11.44 -8.34
N SER E 226 8.48 -11.02 -8.31
CA SER E 226 7.90 -10.29 -9.44
C SER E 226 7.67 -8.84 -9.04
N PHE E 227 7.89 -7.92 -9.98
CA PHE E 227 7.72 -6.52 -9.66
C PHE E 227 6.97 -5.79 -10.75
N GLU E 228 6.47 -4.62 -10.41
CA GLU E 228 5.75 -3.79 -11.36
C GLU E 228 6.73 -2.74 -11.85
N GLY E 229 6.87 -2.66 -13.16
CA GLY E 229 7.83 -1.71 -13.71
C GLY E 229 9.22 -2.23 -13.43
N ASP E 230 10.22 -1.43 -13.74
CA ASP E 230 11.60 -1.81 -13.51
C ASP E 230 11.78 -2.29 -12.07
N PRO E 231 12.53 -3.40 -11.87
CA PRO E 231 12.80 -4.02 -10.57
C PRO E 231 13.57 -3.12 -9.59
N PRO E 232 13.59 -3.50 -8.31
CA PRO E 232 14.31 -2.75 -7.28
C PRO E 232 15.81 -3.03 -7.44
N THR E 233 16.64 -2.09 -7.03
CA THR E 233 18.06 -2.27 -7.16
C THR E 233 18.68 -2.00 -5.81
N PHE E 234 19.96 -2.29 -5.64
CA PHE E 234 20.61 -2.11 -4.36
C PHE E 234 20.37 -0.73 -3.75
N HIS E 235 20.27 0.28 -4.60
CA HIS E 235 20.04 1.63 -4.10
C HIS E 235 18.74 1.72 -3.33
N GLU E 236 17.80 0.85 -3.68
CA GLU E 236 16.51 0.83 -3.04
C GLU E 236 16.57 0.51 -1.55
N LEU E 237 17.71 0.04 -1.05
CA LEU E 237 17.78 -0.24 0.38
C LEU E 237 17.86 1.10 1.12
N ARG E 238 18.40 2.13 0.47
CA ARG E 238 18.50 3.43 1.10
C ARG E 238 17.11 3.88 1.48
N SER E 239 16.20 3.83 0.52
CA SER E 239 14.81 4.21 0.76
C SER E 239 14.16 3.27 1.76
N LEU E 240 14.48 1.98 1.67
CA LEU E 240 13.91 1.03 2.61
C LEU E 240 14.32 1.45 4.00
N SER E 241 15.60 1.68 4.17
CA SER E 241 16.15 2.12 5.44
C SER E 241 15.36 3.30 5.98
N ALA E 242 15.21 4.34 5.18
CA ALA E 242 14.50 5.54 5.57
C ALA E 242 13.09 5.23 6.03
N ARG E 243 12.32 4.59 5.18
CA ARG E 243 10.94 4.26 5.49
C ARG E 243 10.76 3.42 6.76
N LEU E 244 11.72 2.56 7.08
CA LEU E 244 11.59 1.79 8.32
C LEU E 244 11.87 2.73 9.48
N TYR E 245 13.04 3.35 9.46
CA TYR E 245 13.42 4.26 10.54
C TYR E 245 12.38 5.33 10.80
N GLU E 246 11.62 5.72 9.76
CA GLU E 246 10.59 6.74 9.96
C GLU E 246 9.57 6.19 10.97
N LYS E 247 9.17 4.95 10.75
CA LYS E 247 8.20 4.31 11.62
C LYS E 247 8.80 3.89 12.96
N GLN E 248 10.02 3.40 12.94
CA GLN E 248 10.67 2.95 14.18
C GLN E 248 11.12 4.10 15.06
N ILE E 249 11.37 5.26 14.47
CA ILE E 249 11.80 6.41 15.24
C ILE E 249 11.05 7.66 14.83
N SER E 250 11.59 8.43 13.90
CA SER E 250 10.91 9.63 13.45
C SER E 250 11.38 10.14 12.10
N ASP E 251 10.52 10.87 11.42
CA ASP E 251 10.90 11.41 10.14
C ASP E 251 12.23 12.18 10.31
N LYS E 252 12.32 13.02 11.33
CA LYS E 252 13.52 13.80 11.55
C LYS E 252 14.77 12.94 11.54
N PHE E 253 14.70 11.84 12.28
CA PHE E 253 15.83 10.93 12.36
C PHE E 253 16.20 10.42 10.97
N ALA E 254 15.22 9.85 10.26
CA ALA E 254 15.44 9.35 8.92
C ALA E 254 16.10 10.39 8.01
N GLN E 255 15.66 11.65 8.10
CA GLN E 255 16.26 12.71 7.29
C GLN E 255 17.77 12.80 7.50
N HIS E 256 18.17 12.94 8.77
CA HIS E 256 19.57 13.07 9.10
C HIS E 256 20.38 11.87 8.68
N LEU E 257 19.86 10.68 8.92
CA LEU E 257 20.59 9.48 8.55
C LEU E 257 20.90 9.54 7.07
N LEU E 258 19.87 9.76 6.26
CA LEU E 258 20.05 9.86 4.81
C LEU E 258 21.09 10.89 4.44
N GLY E 259 21.01 12.05 5.11
CA GLY E 259 21.97 13.12 4.88
C GLY E 259 21.61 14.11 3.78
N HIS E 260 21.23 15.31 4.19
CA HIS E 260 20.89 16.37 3.26
C HIS E 260 21.66 17.62 3.65
N LYS E 261 21.89 18.49 2.68
CA LYS E 261 22.55 19.76 2.94
C LYS E 261 21.42 20.69 3.39
N SER E 262 20.44 20.77 2.50
CA SER E 262 19.23 21.59 2.61
C SER E 262 18.63 21.85 4.00
N ASP E 263 18.70 20.86 4.89
CA ASP E 263 18.07 21.02 6.22
C ASP E 263 16.57 21.13 5.94
N THR E 264 16.20 20.80 4.70
CA THR E 264 14.83 20.81 4.21
C THR E 264 14.36 19.37 4.24
N MET E 265 13.33 19.09 5.05
CA MET E 265 12.82 17.72 5.16
C MET E 265 11.85 17.30 4.06
N ALA E 266 12.10 17.75 2.84
CA ALA E 266 11.27 17.39 1.69
C ALA E 266 11.32 15.87 1.51
N SER E 267 12.50 15.38 1.09
CA SER E 267 12.76 13.95 0.90
C SER E 267 11.78 13.06 0.15
N GLN E 268 12.29 12.32 -0.83
CA GLN E 268 11.48 11.39 -1.60
C GLN E 268 11.80 9.95 -1.21
N ARG E 270 11.41 8.82 1.55
CA ARG E 270 10.33 8.46 2.45
C ARG E 270 9.06 8.07 1.71
N ASP E 271 9.04 8.35 0.41
CA ASP E 271 7.86 8.03 -0.39
C ASP E 271 7.76 6.54 -0.65
N ASP E 272 6.53 6.03 -0.59
CA ASP E 272 6.25 4.62 -0.79
C ASP E 272 6.12 4.28 -2.27
N ARG E 273 5.78 5.29 -3.06
CA ARG E 273 5.61 5.11 -4.50
C ARG E 273 4.69 3.94 -4.80
N GLY E 274 3.50 3.97 -4.21
CA GLY E 274 2.52 2.93 -4.44
C GLY E 274 2.69 1.56 -3.81
N ARG E 275 3.82 1.23 -3.20
CA ARG E 275 3.94 -0.12 -2.63
C ARG E 275 2.83 -0.49 -1.64
N GLU E 276 2.15 0.52 -1.08
CA GLU E 276 1.07 0.25 -0.14
C GLU E 276 -0.03 -0.53 -0.86
N TRP E 277 -0.35 -0.09 -2.08
CA TRP E 277 -1.39 -0.71 -2.88
C TRP E 277 -1.06 -2.12 -3.26
N ASP E 278 -2.08 -2.98 -3.23
CA ASP E 278 -1.91 -4.36 -3.57
C ASP E 278 -2.64 -4.74 -4.85
N LYS E 279 -1.99 -4.54 -6.00
CA LYS E 279 -2.60 -4.86 -7.29
C LYS E 279 -3.00 -6.32 -7.37
N ILE E 280 -4.30 -6.59 -7.44
CA ILE E 280 -4.77 -7.96 -7.49
C ILE E 280 -4.53 -8.69 -8.79
N GLU E 281 -3.73 -9.74 -8.63
CA GLU E 281 -3.29 -10.69 -9.63
C GLU E 281 -4.19 -10.97 -10.83
N ILE E 282 -4.84 -12.13 -10.73
CA ILE E 282 -5.75 -12.74 -11.71
C ILE E 282 -5.08 -14.08 -11.98
N LYS E 283 -5.22 -14.96 -10.99
CA LYS E 283 -4.68 -16.30 -11.02
C LYS E 283 -5.16 -16.99 -12.31
N MET F 1 -19.15 3.97 43.73
CA MET F 1 -19.92 4.90 42.86
C MET F 1 -21.29 4.29 42.54
N THR F 2 -22.21 5.13 42.06
CA THR F 2 -23.51 4.63 41.65
C THR F 2 -23.24 4.10 40.24
N LEU F 3 -23.94 3.04 39.83
CA LEU F 3 -23.71 2.47 38.50
C LEU F 3 -23.81 3.53 37.42
N HIS F 4 -24.99 4.13 37.29
CA HIS F 4 -25.23 5.15 36.27
C HIS F 4 -24.23 6.29 36.27
N SER F 5 -23.83 6.73 37.46
CA SER F 5 -22.88 7.82 37.58
C SER F 5 -21.56 7.35 36.98
N TRP F 6 -21.18 6.12 37.30
CA TRP F 6 -19.94 5.54 36.80
C TRP F 6 -19.97 5.25 35.31
N LEU F 7 -21.15 4.92 34.80
CA LEU F 7 -21.24 4.66 33.38
C LEU F 7 -20.83 5.92 32.63
N ASP F 8 -21.18 7.08 33.20
CA ASP F 8 -20.85 8.36 32.60
C ASP F 8 -19.35 8.57 32.57
N ARG F 9 -18.67 8.11 33.61
CA ARG F 9 -17.22 8.24 33.64
C ARG F 9 -16.68 7.31 32.56
N TYR F 10 -17.16 6.07 32.61
CA TYR F 10 -16.73 5.04 31.69
C TYR F 10 -16.81 5.45 30.22
N GLU F 11 -17.89 6.10 29.82
CA GLU F 11 -18.01 6.50 28.43
C GLU F 11 -17.02 7.60 28.07
N LYS F 12 -16.72 8.47 29.03
CA LYS F 12 -15.76 9.53 28.79
C LYS F 12 -14.44 8.82 28.47
N ILE F 13 -14.16 7.76 29.23
CA ILE F 13 -12.96 6.95 29.03
C ILE F 13 -12.98 6.44 27.60
N LEU F 14 -14.03 5.68 27.27
CA LEU F 14 -14.20 5.11 25.94
C LEU F 14 -13.98 6.15 24.86
N ALA F 15 -14.53 7.35 25.06
CA ALA F 15 -14.42 8.44 24.10
C ALA F 15 -12.99 8.59 23.59
N SER F 16 -12.03 8.20 24.42
CA SER F 16 -10.63 8.29 24.01
C SER F 16 -10.38 7.11 23.06
N ARG F 17 -9.49 6.21 23.47
CA ARG F 17 -9.13 5.02 22.71
C ARG F 17 -8.77 5.17 21.21
N GLY F 18 -9.23 6.22 20.55
CA GLY F 18 -8.91 6.38 19.15
C GLY F 18 -9.98 5.73 18.29
N ILE F 19 -10.94 5.11 18.99
CA ILE F 19 -12.10 4.45 18.44
C ILE F 19 -12.79 5.28 17.34
N LYS F 20 -13.28 4.61 16.30
CA LYS F 20 -13.97 5.32 15.23
C LYS F 20 -15.38 5.71 15.62
N GLN F 21 -15.91 6.71 14.92
CA GLN F 21 -17.26 7.23 15.16
C GLN F 21 -18.33 6.16 15.41
N LYS F 22 -18.47 5.27 14.44
CA LYS F 22 -19.43 4.20 14.53
C LYS F 22 -19.13 3.28 15.72
N THR F 23 -17.87 2.95 15.94
CA THR F 23 -17.49 2.09 17.05
C THR F 23 -18.00 2.66 18.37
N LEU F 24 -17.72 3.95 18.57
CA LEU F 24 -18.14 4.61 19.79
C LEU F 24 -19.63 4.41 19.96
N ILE F 25 -20.37 4.73 18.90
CA ILE F 25 -21.81 4.57 18.89
C ILE F 25 -22.22 3.15 19.34
N ASN F 26 -21.59 2.13 18.77
CA ASN F 26 -21.92 0.77 19.14
C ASN F 26 -21.76 0.62 20.64
N TYR F 27 -20.64 1.10 21.16
CA TYR F 27 -20.37 1.01 22.59
C TYR F 27 -21.37 1.82 23.41
N MET F 28 -21.69 3.01 22.93
CA MET F 28 -22.63 3.87 23.62
C MET F 28 -23.99 3.19 23.78
N SER F 29 -24.44 2.55 22.70
CA SER F 29 -25.71 1.86 22.69
C SER F 29 -25.75 0.68 23.69
N LYS F 30 -24.61 0.05 23.91
CA LYS F 30 -24.56 -1.07 24.85
C LYS F 30 -24.62 -0.50 26.26
N ILE F 31 -24.07 0.70 26.44
CA ILE F 31 -24.04 1.35 27.74
C ILE F 31 -25.43 1.88 28.06
N LYS F 32 -26.13 2.34 27.03
CA LYS F 32 -27.47 2.88 27.20
C LYS F 32 -28.43 1.78 27.58
N ALA F 33 -28.14 0.58 27.09
CA ALA F 33 -28.97 -0.58 27.36
C ALA F 33 -28.78 -1.02 28.80
N ILE F 34 -27.55 -0.91 29.27
CA ILE F 34 -27.23 -1.30 30.64
C ILE F 34 -28.02 -0.41 31.59
N ARG F 35 -28.09 0.89 31.26
CA ARG F 35 -28.83 1.86 32.07
C ARG F 35 -30.26 1.38 32.28
N ARG F 36 -31.04 1.36 31.19
CA ARG F 36 -32.43 0.93 31.25
C ARG F 36 -32.60 -0.48 31.81
N GLY F 37 -31.50 -1.18 32.00
CA GLY F 37 -31.59 -2.52 32.52
C GLY F 37 -31.19 -2.70 33.97
N LEU F 38 -30.43 -1.76 34.53
CA LEU F 38 -30.02 -1.88 35.93
C LEU F 38 -30.19 -0.58 36.71
N PRO F 39 -30.45 -0.71 38.03
CA PRO F 39 -30.65 0.41 38.96
C PRO F 39 -29.46 1.36 39.00
N ASP F 40 -29.43 2.22 40.02
CA ASP F 40 -28.36 3.19 40.18
C ASP F 40 -27.51 2.83 41.39
N ALA F 41 -27.83 1.69 42.03
CA ALA F 41 -27.10 1.23 43.21
C ALA F 41 -25.58 1.29 43.03
N PRO F 42 -24.82 1.19 44.14
CA PRO F 42 -23.35 1.24 44.09
C PRO F 42 -22.64 -0.08 43.80
N LEU F 43 -22.59 -0.95 44.82
CA LEU F 43 -21.94 -2.26 44.75
C LEU F 43 -20.80 -2.31 43.73
N THR F 47 -25.58 -8.94 43.12
CA THR F 47 -25.69 -8.24 41.84
C THR F 47 -25.49 -9.21 40.66
N THR F 48 -24.60 -10.19 40.81
CA THR F 48 -24.37 -11.15 39.73
C THR F 48 -25.67 -11.68 39.15
N LYS F 49 -26.59 -12.08 40.03
CA LYS F 49 -27.89 -12.59 39.60
C LYS F 49 -28.73 -11.49 38.97
N GLU F 50 -28.49 -10.24 39.37
CA GLU F 50 -29.24 -9.13 38.79
C GLU F 50 -28.72 -8.91 37.37
N ILE F 51 -27.42 -9.13 37.18
CA ILE F 51 -26.75 -8.97 35.90
C ILE F 51 -27.25 -10.02 34.92
N ALA F 52 -27.31 -11.27 35.37
CA ALA F 52 -27.80 -12.37 34.55
C ALA F 52 -29.30 -12.24 34.31
N ALA F 53 -29.98 -11.56 35.22
CA ALA F 53 -31.42 -11.34 35.10
C ALA F 53 -31.67 -10.51 33.84
N MET F 54 -30.86 -9.48 33.67
CA MET F 54 -30.96 -8.61 32.52
C MET F 54 -30.60 -9.37 31.24
N LEU F 55 -29.40 -9.96 31.24
CA LEU F 55 -28.89 -10.74 30.11
C LEU F 55 -29.87 -11.84 29.64
N ASN F 56 -30.26 -12.73 30.55
CA ASN F 56 -31.20 -13.79 30.17
C ASN F 56 -32.48 -13.16 29.64
N GLY F 57 -32.72 -11.91 30.01
CA GLY F 57 -33.91 -11.21 29.55
C GLY F 57 -33.77 -10.90 28.07
N TYR F 58 -32.53 -10.93 27.57
CA TYR F 58 -32.26 -10.67 26.16
C TYR F 58 -32.23 -12.01 25.44
N ILE F 59 -31.56 -12.98 26.07
CA ILE F 59 -31.46 -14.31 25.51
C ILE F 59 -32.86 -14.90 25.51
N ASP F 60 -33.73 -14.34 26.35
CA ASP F 60 -35.11 -14.78 26.48
C ASP F 60 -35.91 -14.44 25.22
N GLU F 61 -35.79 -13.21 24.72
CA GLU F 61 -36.52 -12.86 23.52
C GLU F 61 -35.67 -13.04 22.27
N GLY F 62 -34.70 -13.94 22.37
CA GLY F 62 -33.84 -14.27 21.25
C GLY F 62 -32.86 -13.24 20.74
N LYS F 63 -32.37 -12.35 21.61
CA LYS F 63 -31.40 -11.36 21.18
C LYS F 63 -30.07 -11.75 21.81
N ALA F 64 -29.61 -12.95 21.44
CA ALA F 64 -28.37 -13.47 21.96
C ALA F 64 -27.18 -12.61 21.58
N ALA F 65 -27.15 -12.13 20.35
CA ALA F 65 -26.02 -11.30 19.92
C ALA F 65 -25.89 -10.13 20.88
N SER F 66 -26.98 -9.42 21.08
CA SER F 66 -26.99 -8.28 21.98
C SER F 66 -26.55 -8.68 23.38
N ALA F 67 -27.08 -9.80 23.85
CA ALA F 67 -26.71 -10.29 25.18
C ALA F 67 -25.20 -10.44 25.26
N LYS F 68 -24.62 -11.16 24.30
CA LYS F 68 -23.19 -11.40 24.27
C LYS F 68 -22.42 -10.08 24.22
N LEU F 69 -22.91 -9.13 23.45
CA LEU F 69 -22.24 -7.85 23.34
C LEU F 69 -22.37 -6.99 24.60
N ILE F 70 -23.55 -7.02 25.23
CA ILE F 70 -23.75 -6.25 26.44
C ILE F 70 -22.87 -6.79 27.54
N ARG F 71 -22.93 -8.10 27.73
CA ARG F 71 -22.13 -8.75 28.75
C ARG F 71 -20.68 -8.27 28.65
N SER F 72 -20.13 -8.31 27.45
CA SER F 72 -18.76 -7.86 27.23
C SER F 72 -18.52 -6.43 27.69
N THR F 73 -19.38 -5.51 27.26
CA THR F 73 -19.23 -4.11 27.64
C THR F 73 -19.40 -3.93 29.14
N LEU F 74 -20.32 -4.68 29.74
CA LEU F 74 -20.54 -4.57 31.17
C LEU F 74 -19.25 -4.93 31.87
N SER F 75 -18.73 -6.09 31.51
CA SER F 75 -17.50 -6.60 32.11
C SER F 75 -16.32 -5.63 32.00
N ASP F 76 -16.15 -5.01 30.83
CA ASP F 76 -15.06 -4.08 30.65
C ASP F 76 -15.25 -2.86 31.53
N ALA F 77 -16.48 -2.39 31.61
CA ALA F 77 -16.80 -1.22 32.42
C ALA F 77 -16.39 -1.56 33.86
N PHE F 78 -16.63 -2.81 34.26
CA PHE F 78 -16.28 -3.27 35.59
C PHE F 78 -14.78 -3.32 35.78
N ARG F 79 -14.07 -3.80 34.76
CA ARG F 79 -12.62 -3.90 34.82
C ARG F 79 -12.09 -2.50 35.11
N GLU F 80 -12.63 -1.52 34.39
CA GLU F 80 -12.21 -0.13 34.56
C GLU F 80 -12.54 0.40 35.96
N ALA F 81 -13.72 0.03 36.47
CA ALA F 81 -14.12 0.48 37.80
C ALA F 81 -13.16 -0.09 38.83
N ILE F 82 -12.82 -1.37 38.70
CA ILE F 82 -11.90 -2.02 39.62
C ILE F 82 -10.53 -1.34 39.58
N ALA F 83 -10.13 -0.92 38.38
CA ALA F 83 -8.84 -0.25 38.20
C ALA F 83 -8.83 1.06 38.96
N GLU F 84 -9.79 1.92 38.64
CA GLU F 84 -9.91 3.21 39.29
C GLU F 84 -10.25 3.06 40.78
N GLY F 85 -10.30 1.81 41.24
CA GLY F 85 -10.61 1.54 42.64
C GLY F 85 -11.96 2.05 43.11
N HIS F 86 -13.03 1.35 42.73
CA HIS F 86 -14.39 1.72 43.10
C HIS F 86 -15.11 0.45 43.51
N ILE F 87 -14.67 -0.65 42.93
CA ILE F 87 -15.22 -1.97 43.21
C ILE F 87 -14.00 -2.86 43.31
N THR F 88 -14.22 -4.12 43.67
CA THR F 88 -13.12 -5.07 43.81
C THR F 88 -13.46 -6.38 43.10
N THR F 89 -14.74 -6.60 42.83
CA THR F 89 -15.20 -7.81 42.18
C THR F 89 -15.93 -7.53 40.86
N ASN F 90 -15.64 -8.35 39.86
CA ASN F 90 -16.24 -8.24 38.54
C ASN F 90 -17.39 -9.26 38.44
N HIS F 91 -18.56 -8.92 38.97
CA HIS F 91 -19.69 -9.84 38.93
C HIS F 91 -20.07 -10.31 37.53
N VAL F 92 -19.55 -9.62 36.51
CA VAL F 92 -19.83 -9.97 35.12
C VAL F 92 -19.20 -11.30 34.72
N ALA F 93 -18.01 -11.59 35.25
CA ALA F 93 -17.31 -12.83 34.93
C ALA F 93 -18.09 -14.06 35.44
N ALA F 94 -18.60 -13.96 36.67
CA ALA F 94 -19.35 -15.06 37.26
C ALA F 94 -20.64 -15.31 36.49
N THR F 95 -20.76 -14.70 35.33
CA THR F 95 -21.96 -14.85 34.52
C THR F 95 -21.64 -15.73 33.29
N ARG F 96 -22.68 -16.25 32.65
CA ARG F 96 -22.51 -17.12 31.49
C ARG F 96 -22.35 -16.35 30.17
N ALA F 97 -21.33 -16.71 29.41
CA ALA F 97 -21.11 -16.08 28.11
C ALA F 97 -22.13 -16.73 27.17
N ALA F 98 -23.06 -15.92 26.65
CA ALA F 98 -24.11 -16.42 25.76
C ALA F 98 -23.61 -16.90 24.38
N LYS F 99 -24.21 -17.98 23.89
CA LYS F 99 -23.84 -18.55 22.59
C LYS F 99 -24.76 -18.00 21.50
N SER F 100 -24.15 -17.51 20.42
CA SER F 100 -24.91 -16.94 19.31
C SER F 100 -24.38 -17.47 17.98
N GLU F 101 -25.28 -17.91 17.12
CA GLU F 101 -24.91 -18.43 15.82
C GLU F 101 -25.51 -17.53 14.72
N VAL F 102 -24.73 -17.22 13.70
CA VAL F 102 -25.23 -16.37 12.62
C VAL F 102 -26.50 -17.01 12.09
N ARG F 103 -27.59 -16.24 12.04
CA ARG F 103 -28.87 -16.73 11.54
C ARG F 103 -29.00 -16.41 10.06
N ARG F 104 -28.30 -15.37 9.62
CA ARG F 104 -28.39 -14.96 8.23
C ARG F 104 -27.99 -16.06 7.25
N SER F 105 -28.86 -16.36 6.30
CA SER F 105 -28.56 -17.41 5.34
C SER F 105 -27.75 -16.91 4.15
N ARG F 106 -26.91 -17.79 3.60
CA ARG F 106 -26.10 -17.39 2.47
C ARG F 106 -26.98 -17.28 1.24
N LEU F 107 -26.50 -16.55 0.24
CA LEU F 107 -27.24 -16.36 -1.01
C LEU F 107 -26.62 -17.23 -2.10
N THR F 108 -27.44 -17.78 -2.99
CA THR F 108 -26.91 -18.62 -4.07
C THR F 108 -26.94 -17.91 -5.41
N ALA F 109 -26.24 -18.47 -6.39
CA ALA F 109 -26.19 -17.88 -7.71
C ALA F 109 -27.60 -17.74 -8.28
N ASP F 110 -28.36 -18.83 -8.21
CA ASP F 110 -29.72 -18.83 -8.71
C ASP F 110 -30.60 -17.81 -8.00
N GLU F 111 -30.51 -17.77 -6.67
CA GLU F 111 -31.31 -16.81 -5.90
C GLU F 111 -30.98 -15.41 -6.36
N TYR F 112 -29.71 -15.18 -6.68
CA TYR F 112 -29.27 -13.87 -7.14
C TYR F 112 -29.99 -13.46 -8.42
N LEU F 113 -30.10 -14.40 -9.36
CA LEU F 113 -30.76 -14.11 -10.62
C LEU F 113 -32.23 -13.75 -10.43
N LYS F 114 -32.88 -14.38 -9.46
CA LYS F 114 -34.28 -14.10 -9.21
C LYS F 114 -34.49 -12.73 -8.56
N ILE F 115 -33.54 -12.32 -7.72
CA ILE F 115 -33.65 -11.03 -7.05
C ILE F 115 -33.29 -9.96 -8.06
N TYR F 116 -32.40 -10.30 -8.97
CA TYR F 116 -31.97 -9.37 -10.02
C TYR F 116 -33.17 -9.03 -10.93
N GLN F 117 -34.00 -10.04 -11.23
CA GLN F 117 -35.17 -9.81 -12.06
C GLN F 117 -36.19 -9.00 -11.26
N ALA F 118 -36.41 -9.42 -10.02
CA ALA F 118 -37.36 -8.74 -9.15
C ALA F 118 -36.95 -7.30 -8.95
N ALA F 119 -35.68 -7.01 -9.23
CA ALA F 119 -35.17 -5.66 -9.07
C ALA F 119 -35.50 -4.81 -10.30
N GLU F 120 -36.15 -5.43 -11.28
CA GLU F 120 -36.52 -4.76 -12.52
C GLU F 120 -37.53 -3.65 -12.26
N SER F 121 -38.07 -3.63 -11.03
CA SER F 121 -39.05 -2.62 -10.65
C SER F 121 -38.40 -1.55 -9.78
N SER F 122 -37.07 -1.59 -9.69
CA SER F 122 -36.30 -0.64 -8.89
C SER F 122 -35.44 0.26 -9.76
N PRO F 123 -34.93 1.37 -9.20
CA PRO F 123 -34.09 2.29 -9.96
C PRO F 123 -32.99 1.47 -10.61
N CYS F 124 -32.43 1.94 -11.71
CA CYS F 124 -31.39 1.15 -12.33
C CYS F 124 -30.19 0.94 -11.43
N TRP F 125 -29.75 1.98 -10.72
CA TRP F 125 -28.58 1.81 -9.87
C TRP F 125 -28.62 0.57 -9.00
N LEU F 126 -29.81 0.10 -8.67
CA LEU F 126 -29.91 -1.10 -7.84
C LEU F 126 -29.22 -2.24 -8.55
N ARG F 127 -29.81 -2.66 -9.67
CA ARG F 127 -29.25 -3.75 -10.45
C ARG F 127 -27.78 -3.54 -10.81
N LEU F 128 -27.39 -2.30 -11.09
CA LEU F 128 -25.99 -2.02 -11.39
C LEU F 128 -25.18 -2.20 -10.11
N ALA F 129 -25.72 -1.75 -9.00
CA ALA F 129 -25.05 -1.88 -7.72
C ALA F 129 -24.86 -3.35 -7.40
N MET F 130 -25.86 -4.16 -7.72
CA MET F 130 -25.79 -5.59 -7.46
C MET F 130 -24.72 -6.27 -8.29
N GLU F 131 -24.57 -5.85 -9.54
CA GLU F 131 -23.56 -6.44 -10.42
C GLU F 131 -22.15 -6.09 -9.95
N LEU F 132 -21.95 -4.83 -9.58
CA LEU F 132 -20.66 -4.35 -9.13
C LEU F 132 -20.30 -5.06 -7.81
N ALA F 133 -21.27 -5.13 -6.92
CA ALA F 133 -21.06 -5.77 -5.63
C ALA F 133 -20.50 -7.17 -5.81
N VAL F 134 -21.09 -7.94 -6.72
CA VAL F 134 -20.64 -9.33 -6.92
C VAL F 134 -19.34 -9.47 -7.69
N VAL F 135 -19.13 -8.63 -8.69
CA VAL F 135 -17.91 -8.74 -9.49
C VAL F 135 -16.66 -8.20 -8.80
N THR F 136 -16.83 -7.26 -7.87
CA THR F 136 -15.70 -6.68 -7.13
C THR F 136 -15.54 -7.19 -5.69
N GLY F 137 -16.53 -7.96 -5.21
CA GLY F 137 -16.47 -8.49 -3.87
C GLY F 137 -16.22 -7.45 -2.78
N GLN F 138 -16.55 -6.19 -3.06
CA GLN F 138 -16.34 -5.17 -2.04
C GLN F 138 -17.56 -4.90 -1.15
N ARG F 139 -17.33 -4.31 0.01
CA ARG F 139 -18.40 -4.00 0.96
C ARG F 139 -19.21 -2.81 0.47
N VAL F 140 -20.54 -2.88 0.63
CA VAL F 140 -21.40 -1.79 0.20
C VAL F 140 -20.85 -0.44 0.60
N GLY F 141 -20.41 -0.32 1.85
CA GLY F 141 -19.83 0.92 2.33
C GLY F 141 -18.75 1.46 1.40
N ASP F 142 -17.94 0.58 0.81
CA ASP F 142 -16.91 1.06 -0.09
C ASP F 142 -17.48 1.29 -1.50
N LEU F 143 -18.38 0.41 -1.95
CA LEU F 143 -18.96 0.57 -3.27
C LEU F 143 -19.56 1.95 -3.48
N CYS F 144 -20.09 2.54 -2.42
CA CYS F 144 -20.71 3.85 -2.53
C CYS F 144 -19.69 4.98 -2.51
N GLU F 145 -18.41 4.63 -2.33
CA GLU F 145 -17.33 5.60 -2.29
C GLU F 145 -16.60 5.66 -3.63
N MET F 146 -16.65 4.57 -4.37
CA MET F 146 -15.94 4.51 -5.65
C MET F 146 -16.28 5.64 -6.61
N LYS F 147 -15.28 6.47 -6.88
CA LYS F 147 -15.40 7.60 -7.80
C LYS F 147 -14.70 7.16 -9.07
N TRP F 148 -15.07 7.74 -10.20
CA TRP F 148 -14.46 7.38 -11.47
C TRP F 148 -12.97 7.68 -11.43
N SER F 149 -12.59 8.65 -10.60
CA SER F 149 -11.20 9.02 -10.50
C SER F 149 -10.40 7.85 -9.92
N ASP F 150 -11.09 6.89 -9.31
CA ASP F 150 -10.40 5.76 -8.70
C ASP F 150 -9.92 4.74 -9.73
N ILE F 151 -10.45 4.82 -10.95
CA ILE F 151 -10.02 3.89 -11.99
C ILE F 151 -8.84 4.50 -12.71
N VAL F 152 -7.75 3.74 -12.84
CA VAL F 152 -6.56 4.24 -13.50
C VAL F 152 -5.79 3.13 -14.20
N ASP F 153 -5.84 3.15 -15.53
CA ASP F 153 -5.15 2.15 -16.34
C ASP F 153 -5.61 0.72 -16.08
N GLY F 154 -6.91 0.49 -16.21
CA GLY F 154 -7.46 -0.84 -16.02
C GLY F 154 -7.55 -1.32 -14.59
N TYR F 155 -7.43 -0.42 -13.63
CA TYR F 155 -7.50 -0.79 -12.22
C TYR F 155 -8.33 0.13 -11.36
N LEU F 156 -9.21 -0.47 -10.56
CA LEU F 156 -10.05 0.29 -9.65
C LEU F 156 -9.38 0.22 -8.28
N TYR F 157 -8.86 1.35 -7.82
CA TYR F 157 -8.20 1.40 -6.54
C TYR F 157 -9.23 1.54 -5.43
N VAL F 158 -9.08 0.71 -4.41
CA VAL F 158 -9.97 0.72 -3.27
C VAL F 158 -9.26 0.70 -1.93
N GLU F 159 -9.55 1.66 -1.08
CA GLU F 159 -8.98 1.66 0.25
C GLU F 159 -10.17 1.38 1.14
N GLN F 160 -10.37 0.10 1.45
CA GLN F 160 -11.48 -0.30 2.29
C GLN F 160 -11.54 0.58 3.53
N SER F 161 -12.74 1.12 3.79
CA SER F 161 -12.95 2.01 4.92
C SER F 161 -12.92 1.34 6.28
N LYS F 162 -13.43 0.12 6.35
CA LYS F 162 -13.46 -0.57 7.62
C LYS F 162 -12.10 -1.07 8.12
N THR F 163 -11.18 -1.35 7.21
CA THR F 163 -9.89 -1.90 7.60
C THR F 163 -8.66 -1.14 7.13
N GLY F 164 -8.84 -0.22 6.19
CA GLY F 164 -7.70 0.52 5.69
C GLY F 164 -6.96 -0.21 4.59
N VAL F 165 -7.30 -1.49 4.41
CA VAL F 165 -6.69 -2.29 3.38
C VAL F 165 -6.76 -1.59 2.02
N LYS F 166 -5.66 -1.63 1.27
CA LYS F 166 -5.63 -1.00 -0.05
C LYS F 166 -5.38 -2.02 -1.16
N ILE F 167 -6.29 -2.09 -2.12
CA ILE F 167 -6.15 -3.04 -3.22
C ILE F 167 -6.51 -2.41 -4.56
N ALA F 168 -5.99 -3.03 -5.62
CA ALA F 168 -6.21 -2.57 -6.97
C ALA F 168 -6.98 -3.67 -7.67
N ILE F 169 -8.19 -3.38 -8.09
CA ILE F 169 -9.03 -4.38 -8.76
C ILE F 169 -8.97 -4.20 -10.27
N PRO F 170 -8.52 -5.24 -11.00
CA PRO F 170 -8.44 -5.19 -12.46
C PRO F 170 -9.83 -5.19 -13.08
N THR F 171 -10.10 -4.23 -13.95
CA THR F 171 -11.42 -4.12 -14.60
C THR F 171 -11.67 -5.20 -15.64
N ALA F 172 -10.61 -5.87 -16.08
CA ALA F 172 -10.75 -6.92 -17.08
C ALA F 172 -11.46 -8.11 -16.44
N LEU F 173 -11.90 -7.93 -15.21
CA LEU F 173 -12.56 -8.97 -14.45
C LEU F 173 -13.97 -9.32 -14.93
N HIS F 174 -14.44 -10.50 -14.56
CA HIS F 174 -15.78 -10.94 -14.92
C HIS F 174 -16.14 -12.27 -14.24
N ILE F 175 -17.41 -12.41 -13.89
CA ILE F 175 -17.91 -13.61 -13.25
C ILE F 175 -18.63 -14.42 -14.31
N ASP F 176 -18.14 -15.63 -14.58
CA ASP F 176 -18.73 -16.47 -15.60
C ASP F 176 -20.08 -17.05 -15.24
N ALA F 177 -20.16 -17.74 -14.10
CA ALA F 177 -21.40 -18.35 -13.67
C ALA F 177 -22.62 -17.43 -13.77
N LEU F 178 -22.40 -16.11 -13.76
CA LEU F 178 -23.52 -15.17 -13.82
C LEU F 178 -23.50 -14.25 -15.04
N GLY F 179 -22.46 -14.37 -15.86
CA GLY F 179 -22.38 -13.54 -17.04
C GLY F 179 -22.23 -12.05 -16.75
N ILE F 180 -21.28 -11.71 -15.90
CA ILE F 180 -21.04 -10.32 -15.55
C ILE F 180 -19.64 -9.90 -15.96
N SER F 181 -19.54 -8.82 -16.70
CA SER F 181 -18.27 -8.28 -17.14
C SER F 181 -18.12 -6.96 -16.41
N MET F 182 -17.00 -6.77 -15.72
CA MET F 182 -16.82 -5.55 -14.98
C MET F 182 -16.76 -4.33 -15.87
N LYS F 183 -16.03 -4.43 -16.97
CA LYS F 183 -15.91 -3.31 -17.91
C LYS F 183 -17.31 -3.03 -18.44
N GLU F 184 -18.03 -4.10 -18.74
CA GLU F 184 -19.40 -4.00 -19.21
C GLU F 184 -20.20 -3.17 -18.23
N THR F 185 -20.24 -3.65 -16.99
CA THR F 185 -20.97 -3.01 -15.90
C THR F 185 -20.55 -1.57 -15.70
N LEU F 186 -19.25 -1.33 -15.68
CA LEU F 186 -18.75 0.03 -15.51
C LEU F 186 -19.25 0.97 -16.60
N ASP F 187 -19.24 0.51 -17.85
CA ASP F 187 -19.72 1.33 -18.95
C ASP F 187 -21.17 1.72 -18.61
N LYS F 188 -22.02 0.73 -18.44
CA LYS F 188 -23.42 0.98 -18.10
C LYS F 188 -23.54 1.94 -16.93
N CYS F 189 -22.58 1.91 -16.02
CA CYS F 189 -22.61 2.80 -14.87
C CYS F 189 -22.30 4.22 -15.29
N LYS F 190 -21.35 4.36 -16.20
CA LYS F 190 -20.98 5.70 -16.66
C LYS F 190 -22.14 6.34 -17.38
N GLU F 191 -22.67 5.62 -18.38
CA GLU F 191 -23.78 6.10 -19.19
C GLU F 191 -25.11 6.29 -18.44
N ILE F 192 -25.75 5.19 -18.09
CA ILE F 192 -27.04 5.20 -17.39
C ILE F 192 -27.12 6.02 -16.08
N LEU F 193 -26.07 5.98 -15.27
CA LEU F 193 -26.08 6.68 -13.99
C LEU F 193 -25.39 8.04 -14.03
N GLY F 194 -24.21 8.06 -14.64
CA GLY F 194 -23.43 9.29 -14.74
C GLY F 194 -23.37 10.16 -13.49
N GLY F 195 -22.39 9.90 -12.64
CA GLY F 195 -22.22 10.69 -11.42
C GLY F 195 -20.74 10.72 -11.10
N GLU F 196 -20.35 11.51 -10.10
CA GLU F 196 -18.94 11.55 -9.72
C GLU F 196 -18.58 10.17 -9.15
N THR F 197 -19.54 9.57 -8.45
CA THR F 197 -19.35 8.24 -7.89
C THR F 197 -19.86 7.24 -8.92
N ILE F 198 -19.20 6.08 -9.02
CA ILE F 198 -19.59 5.07 -9.99
C ILE F 198 -21.01 4.56 -9.72
N ILE F 199 -21.46 4.74 -8.49
CA ILE F 199 -22.81 4.35 -8.13
C ILE F 199 -23.47 5.65 -7.67
N ALA F 200 -24.32 6.21 -8.53
CA ALA F 200 -25.01 7.46 -8.23
C ALA F 200 -26.52 7.27 -8.17
N SER F 201 -27.19 8.21 -7.50
CA SER F 201 -28.65 8.17 -7.35
C SER F 201 -29.35 8.70 -8.59
N THR F 202 -30.68 8.64 -8.57
CA THR F 202 -31.51 9.10 -9.68
C THR F 202 -31.17 10.55 -10.06
N ARG F 203 -30.66 11.30 -9.09
CA ARG F 203 -30.28 12.69 -9.31
C ARG F 203 -28.76 12.80 -9.52
N ARG F 204 -28.22 11.83 -10.25
CA ARG F 204 -26.79 11.75 -10.59
C ARG F 204 -25.85 12.10 -9.42
N GLU F 205 -26.25 11.74 -8.20
CA GLU F 205 -25.45 12.03 -7.02
C GLU F 205 -25.12 10.78 -6.21
N PRO F 206 -24.12 10.85 -5.34
CA PRO F 206 -23.73 9.71 -4.50
C PRO F 206 -24.88 9.15 -3.69
N LEU F 207 -24.81 7.86 -3.39
CA LEU F 207 -25.81 7.11 -2.61
C LEU F 207 -25.21 6.74 -1.27
N SER F 208 -26.05 6.29 -0.33
CA SER F 208 -25.57 5.87 0.98
C SER F 208 -25.76 4.37 1.10
N SER F 209 -24.75 3.69 1.63
CA SER F 209 -24.80 2.24 1.78
C SER F 209 -26.13 1.80 2.36
N GLY F 210 -26.65 2.59 3.29
CA GLY F 210 -27.92 2.25 3.89
C GLY F 210 -29.03 2.11 2.86
N THR F 211 -29.10 3.05 1.93
CA THR F 211 -30.14 3.00 0.92
C THR F 211 -30.01 1.80 0.02
N VAL F 212 -28.81 1.59 -0.51
CA VAL F 212 -28.53 0.46 -1.38
C VAL F 212 -29.04 -0.81 -0.69
N SER F 213 -28.57 -1.03 0.53
CA SER F 213 -28.96 -2.17 1.33
C SER F 213 -30.49 -2.32 1.31
N ARG F 214 -31.15 -1.23 1.67
CA ARG F 214 -32.59 -1.14 1.75
C ARG F 214 -33.33 -1.49 0.46
N TYR F 215 -32.85 -0.98 -0.67
CA TYR F 215 -33.49 -1.31 -1.93
C TYR F 215 -33.25 -2.76 -2.32
N PHE F 216 -32.11 -3.30 -1.91
CA PHE F 216 -31.82 -4.70 -2.21
C PHE F 216 -32.82 -5.52 -1.42
N MET F 217 -33.06 -5.10 -0.19
CA MET F 217 -33.98 -5.81 0.69
C MET F 217 -35.39 -5.82 0.10
N ARG F 218 -35.84 -4.68 -0.42
CA ARG F 218 -37.16 -4.58 -1.04
C ARG F 218 -37.25 -5.63 -2.15
N ALA F 219 -36.32 -5.55 -3.11
CA ALA F 219 -36.28 -6.47 -4.22
C ALA F 219 -36.30 -7.93 -3.79
N ARG F 220 -35.72 -8.22 -2.64
CA ARG F 220 -35.69 -9.58 -2.14
C ARG F 220 -37.13 -10.03 -1.87
N LYS F 221 -37.83 -9.28 -1.03
CA LYS F 221 -39.22 -9.55 -0.70
C LYS F 221 -40.02 -9.66 -1.98
N ALA F 222 -39.78 -8.71 -2.89
CA ALA F 222 -40.47 -8.70 -4.17
C ALA F 222 -40.30 -10.03 -4.94
N SER F 223 -39.12 -10.64 -4.84
CA SER F 223 -38.86 -11.89 -5.54
C SER F 223 -39.68 -13.00 -4.91
N GLY F 224 -40.12 -12.78 -3.68
CA GLY F 224 -40.92 -13.78 -2.98
C GLY F 224 -40.19 -15.09 -2.68
N LEU F 225 -38.87 -15.06 -2.56
CA LEU F 225 -38.11 -16.28 -2.26
C LEU F 225 -38.23 -16.63 -0.78
N SER F 226 -38.05 -17.91 -0.46
CA SER F 226 -38.15 -18.39 0.91
C SER F 226 -36.76 -18.77 1.41
N PHE F 227 -36.50 -18.49 2.68
CA PHE F 227 -35.19 -18.80 3.23
C PHE F 227 -35.28 -19.45 4.59
N GLU F 228 -34.18 -20.07 5.00
CA GLU F 228 -34.13 -20.71 6.30
C GLU F 228 -33.41 -19.74 7.22
N GLY F 229 -34.04 -19.41 8.34
CA GLY F 229 -33.44 -18.47 9.26
C GLY F 229 -33.52 -17.10 8.61
N ASP F 230 -32.91 -16.11 9.26
CA ASP F 230 -32.91 -14.75 8.74
C ASP F 230 -32.49 -14.75 7.28
N PRO F 231 -33.19 -13.97 6.44
CA PRO F 231 -32.95 -13.82 5.00
C PRO F 231 -31.57 -13.27 4.65
N PRO F 232 -31.18 -13.38 3.36
CA PRO F 232 -29.89 -12.88 2.90
C PRO F 232 -30.02 -11.37 2.75
N THR F 233 -28.92 -10.65 2.92
CA THR F 233 -28.92 -9.20 2.79
C THR F 233 -27.87 -8.82 1.78
N PHE F 234 -27.87 -7.56 1.35
CA PHE F 234 -26.91 -7.09 0.35
C PHE F 234 -25.48 -7.49 0.66
N HIS F 235 -25.13 -7.55 1.94
CA HIS F 235 -23.78 -7.94 2.33
C HIS F 235 -23.45 -9.35 1.86
N GLU F 236 -24.49 -10.15 1.68
CA GLU F 236 -24.31 -11.53 1.24
C GLU F 236 -23.74 -11.65 -0.16
N LEU F 237 -23.69 -10.56 -0.91
CA LEU F 237 -23.12 -10.65 -2.25
C LEU F 237 -21.61 -10.77 -2.12
N ARG F 238 -21.04 -10.20 -1.06
CA ARG F 238 -19.60 -10.30 -0.85
C ARG F 238 -19.23 -11.77 -0.81
N SER F 239 -19.92 -12.53 0.05
CA SER F 239 -19.65 -13.96 0.16
C SER F 239 -19.95 -14.67 -1.16
N LEU F 240 -21.03 -14.27 -1.83
CA LEU F 240 -21.38 -14.89 -3.09
C LEU F 240 -20.20 -14.71 -4.03
N SER F 241 -19.75 -13.47 -4.14
CA SER F 241 -18.61 -13.13 -4.97
C SER F 241 -17.44 -14.06 -4.69
N ALA F 242 -17.06 -14.16 -3.42
CA ALA F 242 -15.95 -15.00 -3.03
C ALA F 242 -16.13 -16.45 -3.47
N ARG F 243 -17.25 -17.04 -3.07
CA ARG F 243 -17.52 -18.43 -3.41
C ARG F 243 -17.55 -18.74 -4.90
N LEU F 244 -17.93 -17.77 -5.74
CA LEU F 244 -17.92 -18.02 -7.18
C LEU F 244 -16.46 -17.96 -7.65
N TYR F 245 -15.79 -16.84 -7.36
CA TYR F 245 -14.42 -16.68 -7.76
C TYR F 245 -13.53 -17.81 -7.29
N GLU F 246 -13.88 -18.45 -6.17
CA GLU F 246 -13.06 -19.57 -5.68
C GLU F 246 -13.11 -20.67 -6.73
N LYS F 247 -14.30 -20.98 -7.20
CA LYS F 247 -14.47 -22.00 -8.21
C LYS F 247 -13.99 -21.56 -9.60
N GLN F 248 -14.25 -20.31 -9.96
CA GLN F 248 -13.85 -19.81 -11.29
C GLN F 248 -12.36 -19.58 -11.39
N ILE F 249 -11.73 -19.31 -10.27
CA ILE F 249 -10.29 -19.07 -10.28
C ILE F 249 -9.57 -19.86 -9.19
N SER F 250 -9.39 -19.26 -8.02
CA SER F 250 -8.71 -19.96 -6.92
C SER F 250 -8.94 -19.37 -5.55
N ASP F 251 -8.68 -20.20 -4.53
CA ASP F 251 -8.80 -19.81 -3.11
C ASP F 251 -8.14 -18.46 -2.91
N LYS F 252 -6.85 -18.45 -3.21
CA LYS F 252 -5.98 -17.29 -3.08
C LYS F 252 -6.50 -16.05 -3.77
N PHE F 253 -7.06 -16.20 -4.98
CA PHE F 253 -7.59 -15.05 -5.67
C PHE F 253 -8.72 -14.43 -4.86
N ALA F 254 -9.70 -15.25 -4.51
CA ALA F 254 -10.83 -14.81 -3.71
C ALA F 254 -10.40 -14.10 -2.42
N GLN F 255 -9.38 -14.62 -1.75
CA GLN F 255 -8.87 -13.98 -0.53
C GLN F 255 -8.47 -12.55 -0.78
N HIS F 256 -7.60 -12.34 -1.76
CA HIS F 256 -7.12 -11.01 -2.06
C HIS F 256 -8.24 -10.07 -2.47
N LEU F 257 -9.14 -10.54 -3.32
CA LEU F 257 -10.23 -9.69 -3.73
C LEU F 257 -10.96 -9.19 -2.50
N LEU F 258 -11.37 -10.10 -1.61
CA LEU F 258 -12.06 -9.71 -0.40
C LEU F 258 -11.26 -8.70 0.40
N GLY F 259 -9.96 -8.95 0.52
CA GLY F 259 -9.08 -8.05 1.23
C GLY F 259 -8.92 -8.31 2.72
N HIS F 260 -7.76 -8.84 3.10
CA HIS F 260 -7.45 -9.12 4.49
C HIS F 260 -6.14 -8.39 4.76
N LYS F 261 -6.04 -7.71 5.89
CA LYS F 261 -4.82 -6.99 6.22
C LYS F 261 -3.93 -7.96 6.97
N SER F 262 -4.59 -9.00 7.48
CA SER F 262 -3.94 -10.05 8.26
C SER F 262 -2.92 -10.88 7.48
N ASP F 263 -3.25 -11.22 6.23
CA ASP F 263 -2.37 -12.04 5.38
C ASP F 263 -2.45 -13.53 5.80
N THR F 264 -3.66 -13.96 6.17
CA THR F 264 -3.93 -15.34 6.57
C THR F 264 -4.70 -15.96 5.42
N MET F 265 -5.25 -17.15 5.60
CA MET F 265 -6.03 -17.81 4.54
C MET F 265 -7.31 -18.40 5.12
N ALA F 266 -7.61 -18.06 6.37
CA ALA F 266 -8.81 -18.55 7.06
C ALA F 266 -10.10 -18.30 6.27
N SER F 267 -10.61 -17.08 6.35
CA SER F 267 -11.83 -16.65 5.67
C SER F 267 -13.10 -17.45 5.87
N GLN F 268 -14.18 -16.75 6.21
CA GLN F 268 -15.47 -17.38 6.40
C GLN F 268 -16.40 -17.05 5.23
N ARG F 270 -15.88 -17.74 2.38
CA ARG F 270 -15.81 -18.91 1.52
C ARG F 270 -16.70 -20.04 2.00
N ASP F 271 -17.21 -19.91 3.21
CA ASP F 271 -18.06 -20.93 3.78
C ASP F 271 -19.46 -20.90 3.18
N ASP F 272 -19.99 -22.09 2.91
CA ASP F 272 -21.30 -22.23 2.31
C ASP F 272 -22.42 -22.12 3.34
N ARG F 273 -22.08 -22.43 4.59
CA ARG F 273 -23.03 -22.40 5.70
C ARG F 273 -24.29 -23.18 5.36
N GLY F 274 -24.08 -24.43 4.96
CA GLY F 274 -25.17 -25.33 4.62
C GLY F 274 -25.90 -25.10 3.30
N ARG F 275 -25.55 -24.04 2.58
CA ARG F 275 -26.26 -23.74 1.34
C ARG F 275 -25.83 -24.38 0.03
N GLU F 276 -24.73 -25.13 0.03
CA GLU F 276 -24.32 -25.84 -1.18
C GLU F 276 -24.89 -27.21 -0.84
N TRP F 277 -25.56 -27.84 -1.78
CA TRP F 277 -26.17 -29.14 -1.51
C TRP F 277 -27.39 -28.89 -0.66
N ASP F 278 -28.55 -29.30 -1.17
CA ASP F 278 -29.79 -29.17 -0.44
C ASP F 278 -30.00 -30.50 0.26
N LYS F 279 -29.48 -30.62 1.48
CA LYS F 279 -29.63 -31.86 2.24
C LYS F 279 -31.10 -32.16 2.28
N ILE F 280 -31.44 -33.41 2.00
CA ILE F 280 -32.83 -33.78 1.98
C ILE F 280 -33.46 -34.19 3.29
N GLU F 281 -34.62 -33.57 3.49
CA GLU F 281 -35.48 -33.68 4.65
C GLU F 281 -35.85 -35.05 5.21
N ILE F 282 -37.02 -35.52 4.80
CA ILE F 282 -37.66 -36.76 5.23
C ILE F 282 -38.70 -36.19 6.19
N LYS F 283 -39.28 -35.08 5.73
CA LYS F 283 -40.31 -34.35 6.44
C LYS F 283 -41.32 -33.89 5.38
#